data_6NCE
#
_entry.id   6NCE
#
_cell.length_a   94.940
_cell.length_b   102.080
_cell.length_c   34.450
_cell.angle_alpha   90.00
_cell.angle_beta   102.65
_cell.angle_gamma   90.00
#
_symmetry.space_group_name_H-M   'C 1 2 1'
#
loop_
_entity.id
_entity.type
_entity.pdbx_description
1 polymer 'Forkhead box protein N3'
2 polymer "DNA (5'-D(*TP*CP*TP*TP*AP*AP*GP*TP*AP*AP*AP*CP*AP*AP*TP*G)-3')"
3 polymer "DNA (5'-D(*AP*CP*AP*TP*TP*GP*TP*TP*TP*AP*CP*TP*TP*AP*AP*G)-3')"
4 non-polymer 'MAGNESIUM ION'
5 non-polymer GLYCEROL
6 water water
#
loop_
_entity_poly.entity_id
_entity_poly.type
_entity_poly.pdbx_seq_one_letter_code
_entity_poly.pdbx_strand_id
1 'polypeptide(L)'
;GNCKPPYSFSCLIFMAIEDSPTKRLPVKDIYNWILEHFPYFANAPTGWKNSVRHNLSLNKCFKKVDKERSQSIGKGSLWC
IDPEYRQNLIQALKKTPYHP
;
A
2 'polydeoxyribonucleotide' (DT)(DC)(DT)(DT)(DA)(DA)(DG)(DT)(DA)(DA)(DA)(DC)(DA)(DA)(DT)(DG) C
3 'polydeoxyribonucleotide' (DA)(DC)(DA)(DT)(DT)(DG)(DT)(DT)(DT)(DA)(DC)(DT)(DT)(DA)(DA)(DG) D
#
loop_
_chem_comp.id
_chem_comp.type
_chem_comp.name
_chem_comp.formula
DA DNA linking 2'-DEOXYADENOSINE-5'-MONOPHOSPHATE 'C10 H14 N5 O6 P'
DC DNA linking 2'-DEOXYCYTIDINE-5'-MONOPHOSPHATE 'C9 H14 N3 O7 P'
DG DNA linking 2'-DEOXYGUANOSINE-5'-MONOPHOSPHATE 'C10 H14 N5 O7 P'
DT DNA linking THYMIDINE-5'-MONOPHOSPHATE 'C10 H15 N2 O8 P'
GOL non-polymer GLYCEROL 'C3 H8 O3'
MG non-polymer 'MAGNESIUM ION' 'Mg 2'
#
# COMPACT_ATOMS: atom_id res chain seq x y z
N GLY A 1 11.76 -13.25 5.24
CA GLY A 1 10.95 -12.37 6.07
C GLY A 1 10.85 -12.82 7.51
N ASN A 2 11.62 -12.17 8.39
CA ASN A 2 11.65 -12.53 9.81
C ASN A 2 11.15 -11.43 10.73
N CYS A 3 11.14 -10.18 10.30
CA CYS A 3 10.78 -9.06 11.16
C CYS A 3 9.75 -8.18 10.49
N LYS A 4 8.97 -7.48 11.31
CA LYS A 4 7.98 -6.56 10.78
C LYS A 4 8.67 -5.43 10.02
N PRO A 5 8.11 -4.97 8.90
CA PRO A 5 8.72 -3.88 8.16
C PRO A 5 8.65 -2.59 8.96
N PRO A 6 9.65 -1.71 8.81
CA PRO A 6 9.56 -0.39 9.46
C PRO A 6 8.55 0.54 8.82
N TYR A 7 8.04 0.21 7.63
CA TYR A 7 7.07 1.06 6.96
C TYR A 7 5.67 0.76 7.48
N SER A 8 4.83 1.80 7.50
CA SER A 8 3.43 1.63 7.85
C SER A 8 2.64 1.16 6.63
N PHE A 9 1.44 0.64 6.91
CA PHE A 9 0.60 0.13 5.82
C PHE A 9 0.38 1.18 4.73
N SER A 10 0.24 2.44 5.14
CA SER A 10 0.08 3.51 4.16
C SER A 10 1.25 3.56 3.19
N CYS A 11 2.47 3.44 3.72
CA CYS A 11 3.66 3.50 2.86
C CYS A 11 3.77 2.27 1.98
N LEU A 12 3.49 1.08 2.53
CA LEU A 12 3.52 -0.13 1.73
C LEU A 12 2.62 0.00 0.51
N ILE A 13 1.37 0.41 0.73
CA ILE A 13 0.44 0.62 -0.38
C ILE A 13 1.01 1.62 -1.37
N PHE A 14 1.51 2.76 -0.87
CA PHE A 14 2.08 3.77 -1.75
C PHE A 14 3.22 3.21 -2.58
N MET A 15 4.08 2.40 -1.96
CA MET A 15 5.19 1.81 -2.70
C MET A 15 4.68 0.80 -3.72
N ALA A 16 3.63 0.06 -3.39
CA ALA A 16 3.07 -0.89 -4.34
C ALA A 16 2.49 -0.19 -5.55
N ILE A 17 1.62 0.80 -5.32
CA ILE A 17 1.00 1.52 -6.44
C ILE A 17 2.07 2.23 -7.25
N GLU A 18 2.93 2.99 -6.59
CA GLU A 18 3.95 3.77 -7.30
C GLU A 18 4.83 2.86 -8.16
N ASP A 19 5.12 1.65 -7.68
CA ASP A 19 5.90 0.71 -8.47
C ASP A 19 5.10 0.17 -9.65
N SER A 20 3.78 0.31 -9.63
CA SER A 20 2.96 -0.18 -10.71
C SER A 20 3.25 0.60 -11.99
N PRO A 21 3.10 -0.04 -13.16
CA PRO A 21 3.34 0.67 -14.42
C PRO A 21 2.33 1.76 -14.71
N THR A 22 1.22 1.83 -13.97
CA THR A 22 0.20 2.83 -14.27
C THR A 22 -0.35 3.52 -13.02
N LYS A 23 0.32 3.38 -11.88
CA LYS A 23 -0.10 4.02 -10.63
C LYS A 23 -1.51 3.59 -10.21
N ARG A 24 -2.02 2.50 -10.78
CA ARG A 24 -3.33 1.98 -10.42
C ARG A 24 -3.21 0.49 -10.14
N LEU A 25 -3.76 0.06 -9.00
CA LEU A 25 -3.63 -1.33 -8.59
C LEU A 25 -4.89 -1.81 -7.88
N PRO A 26 -5.45 -2.95 -8.27
CA PRO A 26 -6.50 -3.58 -7.47
C PRO A 26 -5.94 -4.07 -6.14
N VAL A 27 -6.84 -4.29 -5.19
CA VAL A 27 -6.42 -4.66 -3.84
C VAL A 27 -5.54 -5.89 -3.86
N LYS A 28 -6.03 -6.97 -4.48
CA LYS A 28 -5.28 -8.23 -4.49
C LYS A 28 -3.86 -8.02 -5.02
N ASP A 29 -3.71 -7.22 -6.07
CA ASP A 29 -2.38 -6.91 -6.57
C ASP A 29 -1.55 -6.23 -5.50
N ILE A 30 -2.17 -5.37 -4.70
CA ILE A 30 -1.45 -4.72 -3.60
C ILE A 30 -1.00 -5.76 -2.57
N TYR A 31 -1.85 -6.75 -2.30
CA TYR A 31 -1.46 -7.85 -1.42
C TYR A 31 -0.17 -8.50 -1.91
N ASN A 32 -0.10 -8.82 -3.20
CA ASN A 32 1.06 -9.52 -3.75
C ASN A 32 2.33 -8.69 -3.57
N TRP A 33 2.31 -7.44 -4.05
CA TRP A 33 3.50 -6.60 -3.93
C TRP A 33 4.01 -6.55 -2.51
N ILE A 34 3.09 -6.51 -1.53
CA ILE A 34 3.51 -6.54 -0.14
C ILE A 34 4.13 -7.89 0.20
N LEU A 35 3.63 -8.97 -0.40
CA LEU A 35 4.17 -10.30 -0.12
C LEU A 35 5.51 -10.50 -0.81
N GLU A 36 5.56 -10.27 -2.12
CA GLU A 36 6.78 -10.51 -2.88
C GLU A 36 7.94 -9.66 -2.34
N HIS A 37 7.70 -8.38 -2.10
CA HIS A 37 8.76 -7.50 -1.62
C HIS A 37 8.91 -7.55 -0.11
N PHE A 38 7.91 -8.07 0.61
CA PHE A 38 7.99 -8.22 2.05
C PHE A 38 7.44 -9.60 2.42
N PRO A 39 8.30 -10.60 2.61
CA PRO A 39 7.83 -11.95 2.95
C PRO A 39 7.47 -12.14 4.41
N TYR A 40 7.68 -11.12 5.26
CA TYR A 40 7.24 -11.20 6.64
C TYR A 40 5.76 -11.58 6.74
N PHE A 41 4.92 -10.99 5.89
CA PHE A 41 3.48 -11.23 5.95
C PHE A 41 3.08 -12.61 5.47
N ALA A 42 4.01 -13.37 4.87
CA ALA A 42 3.69 -14.74 4.48
C ALA A 42 3.33 -15.59 5.69
N ASN A 43 4.12 -15.49 6.76
CA ASN A 43 3.84 -16.18 8.01
C ASN A 43 3.20 -15.25 9.04
N ALA A 44 2.86 -14.02 8.66
CA ALA A 44 2.29 -13.08 9.59
C ALA A 44 0.86 -13.48 9.96
N PRO A 45 0.37 -13.05 11.12
CA PRO A 45 -1.00 -13.39 11.51
C PRO A 45 -2.00 -12.75 10.56
N THR A 46 -3.06 -13.50 10.26
CA THR A 46 -4.08 -12.99 9.36
C THR A 46 -4.63 -11.68 9.89
N GLY A 47 -4.87 -10.74 8.98
CA GLY A 47 -5.42 -9.46 9.37
C GLY A 47 -4.77 -8.30 8.64
N TRP A 48 -3.56 -8.51 8.14
CA TRP A 48 -2.88 -7.42 7.43
C TRP A 48 -3.63 -7.04 6.16
N LYS A 49 -4.21 -8.03 5.48
CA LYS A 49 -5.13 -7.73 4.38
C LYS A 49 -6.23 -6.80 4.88
N ASN A 50 -6.87 -7.18 5.98
CA ASN A 50 -7.90 -6.34 6.58
C ASN A 50 -7.35 -4.94 6.87
N SER A 51 -6.19 -4.88 7.51
CA SER A 51 -5.57 -3.59 7.80
C SER A 51 -5.28 -2.82 6.52
N VAL A 52 -5.05 -3.52 5.41
CA VAL A 52 -4.81 -2.86 4.14
C VAL A 52 -6.09 -2.24 3.61
N ARG A 53 -7.14 -3.07 3.49
CA ARG A 53 -8.43 -2.53 3.03
C ARG A 53 -8.91 -1.42 3.95
N HIS A 54 -8.66 -1.56 5.25
CA HIS A 54 -9.01 -0.51 6.19
C HIS A 54 -8.24 0.77 5.88
N ASN A 55 -6.99 0.64 5.45
CA ASN A 55 -6.15 1.79 5.21
C ASN A 55 -6.46 2.47 3.87
N LEU A 56 -6.95 1.72 2.88
CA LEU A 56 -7.24 2.30 1.57
C LEU A 56 -8.51 3.15 1.59
N SER A 57 -9.47 2.82 2.44
CA SER A 57 -10.78 3.46 2.39
C SER A 57 -10.81 4.79 3.13
N LEU A 58 -10.12 4.91 4.25
CA LEU A 58 -10.19 6.12 5.06
C LEU A 58 -8.95 7.00 4.97
N ASN A 59 -7.87 6.53 4.35
CA ASN A 59 -6.68 7.35 4.19
C ASN A 59 -6.86 8.28 3.00
N LYS A 60 -6.82 9.58 3.26
CA LYS A 60 -7.08 10.59 2.24
C LYS A 60 -6.14 10.47 1.04
N CYS A 61 -5.07 9.69 1.19
CA CYS A 61 -4.05 9.61 0.16
C CYS A 61 -4.45 8.74 -1.03
N PHE A 62 -5.43 7.85 -0.87
CA PHE A 62 -5.82 6.93 -1.93
C PHE A 62 -7.27 7.17 -2.35
N LYS A 63 -7.51 7.09 -3.66
CA LYS A 63 -8.83 7.31 -4.24
C LYS A 63 -9.15 6.18 -5.20
N LYS A 64 -10.34 5.60 -5.06
CA LYS A 64 -10.76 4.56 -6.01
C LYS A 64 -10.95 5.16 -7.40
N VAL A 65 -11.03 4.28 -8.39
CA VAL A 65 -11.25 4.68 -9.77
C VAL A 65 -12.08 3.61 -10.49
N ASP A 66 -13.24 4.00 -11.00
CA ASP A 66 -14.13 3.08 -11.68
C ASP A 66 -14.72 3.78 -12.90
N LYS A 67 -14.44 3.24 -14.09
CA LYS A 67 -14.92 3.83 -15.33
C LYS A 67 -16.29 3.27 -15.71
N GLY A 76 -13.55 -6.00 -8.49
CA GLY A 76 -12.78 -5.01 -7.76
C GLY A 76 -12.30 -3.85 -8.63
N SER A 77 -12.32 -2.65 -8.07
CA SER A 77 -11.90 -1.45 -8.76
C SER A 77 -10.45 -1.10 -8.42
N LEU A 78 -9.88 -0.20 -9.23
CA LEU A 78 -8.49 0.18 -9.10
C LEU A 78 -8.32 1.29 -8.06
N TRP A 79 -7.17 1.28 -7.40
CA TRP A 79 -6.79 2.32 -6.45
C TRP A 79 -5.58 3.08 -6.99
N CYS A 80 -5.54 4.38 -6.74
CA CYS A 80 -4.46 5.23 -7.21
C CYS A 80 -4.07 6.20 -6.11
N ILE A 81 -2.94 6.88 -6.32
CA ILE A 81 -2.44 7.88 -5.37
C ILE A 81 -3.10 9.21 -5.67
N ASP A 82 -3.53 9.89 -4.61
CA ASP A 82 -4.16 11.20 -4.79
C ASP A 82 -3.09 12.23 -5.09
N PRO A 83 -3.17 12.96 -6.20
CA PRO A 83 -2.09 13.91 -6.53
C PRO A 83 -1.87 14.97 -5.47
N GLU A 84 -2.91 15.38 -4.75
CA GLU A 84 -2.76 16.44 -3.75
C GLU A 84 -2.15 15.95 -2.46
N TYR A 85 -2.25 14.65 -2.15
CA TYR A 85 -1.65 14.08 -0.96
C TYR A 85 -0.40 13.28 -1.26
N ARG A 86 -0.03 13.15 -2.53
CA ARG A 86 1.16 12.37 -2.88
C ARG A 86 2.40 12.91 -2.18
N GLN A 87 2.54 14.24 -2.12
CA GLN A 87 3.66 14.82 -1.39
C GLN A 87 3.67 14.37 0.07
N ASN A 88 2.49 14.05 0.63
CA ASN A 88 2.42 13.64 2.02
C ASN A 88 3.04 12.26 2.23
N LEU A 89 2.84 11.34 1.28
CA LEU A 89 3.34 9.98 1.45
C LEU A 89 4.85 9.92 1.26
N ILE A 90 5.39 10.67 0.30
CA ILE A 90 6.83 10.63 0.06
C ILE A 90 7.59 11.08 1.31
N GLN A 91 7.10 12.13 1.97
CA GLN A 91 7.77 12.62 3.18
C GLN A 91 7.88 11.53 4.23
N ALA A 92 6.76 10.88 4.56
CA ALA A 92 6.77 9.76 5.48
C ALA A 92 7.65 8.62 4.97
N LEU A 93 7.85 8.53 3.66
CA LEU A 93 8.70 7.47 3.11
C LEU A 93 10.17 7.75 3.39
N LYS A 94 10.58 9.01 3.29
CA LYS A 94 11.99 9.35 3.52
C LYS A 94 12.36 9.22 4.99
N LYS A 95 11.42 9.52 5.89
CA LYS A 95 11.65 9.49 7.33
C LYS A 95 12.36 8.20 7.75
N THR A 96 11.67 7.08 7.66
CA THR A 96 12.24 5.78 8.02
C THR A 96 12.19 4.84 6.82
N PRO A 97 13.30 4.71 6.06
CA PRO A 97 13.36 3.83 4.90
C PRO A 97 13.95 2.46 5.23
MG MG D . -9.03 6.98 0.23
C1 GOL E . 3.67 -3.64 10.92
O1 GOL E . 3.22 -4.12 12.12
C2 GOL E . 2.87 -2.33 10.69
O2 GOL E . 3.64 -1.21 10.97
C3 GOL E . 2.43 -2.40 9.22
O3 GOL E . 3.55 -2.88 8.53
H11 GOL E . 3.52 -4.25 10.18
H12 GOL E . 4.62 -3.45 10.92
HO1 GOL E . 3.42 -4.94 12.14
H2 GOL E . 2.11 -2.28 11.28
HO2 GOL E . 4.23 -1.13 10.36
H31 GOL E . 2.13 -1.53 8.93
H32 GOL E . 1.66 -2.98 9.15
HO3 GOL E . 4.10 -2.24 8.48
MG MG F . 1.57 1.73 17.11
#